data_4LRN
#
_entry.id   4LRN
#
_cell.length_a   35.494
_cell.length_b   48.733
_cell.length_c   110.584
_cell.angle_alpha   90.00
_cell.angle_beta   90.00
_cell.angle_gamma   90.00
#
_symmetry.space_group_name_H-M   'P 21 21 21'
#
loop_
_entity.id
_entity.type
_entity.pdbx_description
1 polymer 'GEP 1 heavy chain'
2 polymer 'GEP 1 light chain'
3 water water
#
loop_
_entity_poly.entity_id
_entity_poly.type
_entity_poly.pdbx_seq_one_letter_code
_entity_poly.pdbx_strand_id
1 'polypeptide(L)'
;QVQLVQSGAEVKKPGSSVKVSCKASGGTFSSYAISWVRQAPGQGLEWMGGIIPIFGTANYAQKFQGRVTITADKSTSTAY
MELSSLRSEDTAVYYCAREGTTGWGWLGKPIGAFAYWGQGTLVTVSS
;
H
2 'polypeptide(L)'
;MEIVLTQSPGTLSLSPGERATLSCRASQSVSSSYLAWYQQKPGQAPRLLIYGASSRATGIPDRFSGSGSGTDFTLTISRL
EPEDFAVYYCQQYGSSPSTFGQGTKVEIKRL
;
L
#
# COMPACT_ATOMS: atom_id res chain seq x y z
N GLN A 3 9.54 10.17 9.61
CA GLN A 3 8.74 9.69 10.79
C GLN A 3 7.28 10.11 10.70
N LEU A 4 6.40 9.12 10.52
CA LEU A 4 4.97 9.38 10.40
C LEU A 4 4.21 8.76 11.57
N VAL A 5 3.50 9.60 12.32
CA VAL A 5 2.77 9.16 13.52
C VAL A 5 1.29 9.48 13.41
N GLN A 6 0.46 8.43 13.44
CA GLN A 6 -0.97 8.57 13.18
C GLN A 6 -1.80 8.59 14.46
N SER A 7 -3.00 9.15 14.35
CA SER A 7 -3.99 9.13 15.43
C SER A 7 -4.46 7.72 15.79
N GLY A 8 -5.13 7.61 16.93
CA GLY A 8 -5.49 6.31 17.50
C GLY A 8 -6.67 5.66 16.80
N ALA A 9 -6.92 4.39 17.13
CA ALA A 9 -7.98 3.62 16.49
C ALA A 9 -9.34 4.24 16.76
N GLU A 10 -10.28 4.01 15.85
CA GLU A 10 -11.63 4.56 15.96
C GLU A 10 -12.66 3.47 15.69
N VAL A 11 -13.77 3.50 16.41
CA VAL A 11 -14.92 2.68 16.08
C VAL A 11 -16.10 3.58 15.75
N LYS A 12 -16.68 3.36 14.57
CA LYS A 12 -17.66 4.28 14.03
C LYS A 12 -18.95 3.55 13.68
N LYS A 13 -20.05 4.29 13.70
CA LYS A 13 -21.35 3.78 13.28
C LYS A 13 -21.55 3.97 11.78
N PRO A 14 -22.37 3.11 11.16
CA PRO A 14 -22.63 3.18 9.72
C PRO A 14 -23.18 4.54 9.30
N GLY A 15 -22.60 5.12 8.25
CA GLY A 15 -23.09 6.37 7.70
C GLY A 15 -22.44 7.59 8.33
N SER A 16 -21.69 7.38 9.41
CA SER A 16 -20.95 8.46 10.05
C SER A 16 -19.66 8.77 9.28
N SER A 17 -18.90 9.74 9.78
CA SER A 17 -17.62 10.10 9.19
CA SER A 17 -17.63 10.11 9.19
C SER A 17 -16.50 9.95 10.21
N VAL A 18 -15.31 9.68 9.71
CA VAL A 18 -14.13 9.54 10.56
C VAL A 18 -13.06 10.48 10.03
N LYS A 19 -12.22 11.00 10.93
CA LYS A 19 -11.10 11.83 10.54
C LYS A 19 -9.82 11.37 11.21
N VAL A 20 -8.85 10.99 10.39
CA VAL A 20 -7.59 10.44 10.86
C VAL A 20 -6.50 11.45 10.55
N SER A 21 -5.51 11.52 11.44
CA SER A 21 -4.41 12.46 11.28
C SER A 21 -3.09 11.72 11.17
N CYS A 22 -2.14 12.36 10.50
CA CYS A 22 -0.80 11.82 10.35
C CYS A 22 0.22 12.93 10.49
N LYS A 23 1.03 12.85 11.54
CA LYS A 23 2.01 13.90 11.85
C LYS A 23 3.38 13.46 11.35
N ALA A 24 3.93 14.25 10.43
CA ALA A 24 5.28 14.01 9.92
C ALA A 24 6.31 14.71 10.81
N SER A 25 7.33 13.96 11.23
CA SER A 25 8.44 14.51 12.00
C SER A 25 9.77 14.20 11.30
N ALA A 33 3.29 16.15 2.04
CA ALA A 33 2.82 15.56 0.78
C ALA A 33 2.77 14.04 0.87
N ILE A 34 1.93 13.52 1.78
CA ILE A 34 1.79 12.08 1.97
C ILE A 34 0.60 11.53 1.18
N SER A 35 0.52 10.21 1.10
CA SER A 35 -0.65 9.53 0.55
C SER A 35 -1.39 8.78 1.65
N TRP A 36 -2.67 8.53 1.42
CA TRP A 36 -3.45 7.67 2.28
C TRP A 36 -3.77 6.36 1.56
N VAL A 37 -3.38 5.27 2.20
CA VAL A 37 -3.58 3.91 1.66
C VAL A 37 -4.23 3.07 2.75
N ARG A 38 -5.31 2.38 2.42
CA ARG A 38 -5.94 1.50 3.40
C ARG A 38 -5.74 0.03 3.08
N GLN A 39 -5.71 -0.77 4.15
CA GLN A 39 -5.72 -2.21 4.04
C GLN A 39 -7.07 -2.72 4.56
N ALA A 40 -7.97 -3.05 3.63
CA ALA A 40 -9.29 -3.54 3.97
C ALA A 40 -9.36 -5.06 3.79
N PRO A 41 -9.87 -5.76 4.80
CA PRO A 41 -9.80 -7.22 4.80
C PRO A 41 -10.42 -7.79 3.53
N GLY A 42 -9.64 -8.60 2.81
CA GLY A 42 -10.15 -9.25 1.60
C GLY A 42 -10.20 -8.33 0.40
N GLN A 43 -9.57 -7.16 0.49
CA GLN A 43 -9.45 -6.27 -0.65
C GLN A 43 -8.04 -5.71 -0.85
N GLY A 44 -7.06 -6.24 -0.11
CA GLY A 44 -5.66 -5.86 -0.32
C GLY A 44 -5.42 -4.43 0.11
N LEU A 45 -4.49 -3.74 -0.58
CA LEU A 45 -4.26 -2.32 -0.32
C LEU A 45 -4.97 -1.47 -1.37
N GLU A 46 -5.47 -0.30 -0.97
CA GLU A 46 -5.97 0.64 -1.95
C GLU A 46 -5.57 2.07 -1.67
N TRP A 47 -5.12 2.74 -2.71
CA TRP A 47 -4.76 4.15 -2.66
C TRP A 47 -6.03 4.97 -2.69
N MET A 48 -6.17 5.87 -1.73
CA MET A 48 -7.38 6.67 -1.59
C MET A 48 -7.20 8.06 -2.15
N GLY A 49 -6.00 8.59 -1.98
CA GLY A 49 -5.71 9.96 -2.33
C GLY A 49 -4.42 10.40 -1.67
N GLY A 50 -4.00 11.62 -1.97
CA GLY A 50 -2.76 12.14 -1.42
C GLY A 50 -2.61 13.61 -1.69
N ILE A 51 -1.75 14.26 -0.92
CA ILE A 51 -1.31 15.63 -1.19
C ILE A 51 -0.15 15.58 -2.19
N ILE A 52 -0.29 16.32 -3.29
CA ILE A 52 0.68 16.20 -4.37
C ILE A 52 1.82 17.21 -4.22
N PRO A 53 3.00 16.85 -4.75
CA PRO A 53 4.16 17.73 -4.65
C PRO A 53 3.96 19.07 -5.35
N ILE A 54 4.68 20.07 -4.87
CA ILE A 54 4.70 21.42 -5.46
C ILE A 54 3.43 22.21 -5.18
N PHE A 55 2.28 21.68 -5.57
CA PHE A 55 1.02 22.38 -5.35
C PHE A 55 0.50 22.19 -3.93
N GLY A 56 0.80 21.04 -3.33
CA GLY A 56 0.38 20.76 -1.97
C GLY A 56 -1.13 20.70 -1.81
N THR A 57 -1.80 20.27 -2.88
CA THR A 57 -3.25 20.08 -2.85
CA THR A 57 -3.25 20.08 -2.84
C THR A 57 -3.60 18.60 -2.99
N ALA A 58 -4.86 18.27 -2.70
CA ALA A 58 -5.31 16.88 -2.68
C ALA A 58 -5.64 16.36 -4.07
N ASN A 59 -5.21 15.14 -4.35
CA ASN A 59 -5.80 14.33 -5.42
C ASN A 59 -6.48 13.10 -4.83
N TYR A 60 -7.43 12.54 -5.59
CA TYR A 60 -8.30 11.48 -5.08
C TYR A 60 -8.44 10.33 -6.08
N ALA A 61 -8.62 9.12 -5.55
CA ALA A 61 -9.08 7.99 -6.35
C ALA A 61 -10.57 8.11 -6.65
N GLN A 62 -10.96 7.80 -7.89
CA GLN A 62 -12.37 7.87 -8.29
C GLN A 62 -13.29 7.14 -7.32
N LYS A 63 -12.85 5.98 -6.85
CA LYS A 63 -13.65 5.16 -5.96
C LYS A 63 -14.12 5.90 -4.70
N PHE A 64 -13.31 6.85 -4.24
CA PHE A 64 -13.60 7.56 -2.99
C PHE A 64 -13.95 9.03 -3.22
N GLN A 65 -13.84 9.49 -4.46
CA GLN A 65 -14.13 10.88 -4.77
C GLN A 65 -15.56 11.21 -4.37
N GLY A 66 -15.70 12.23 -3.52
CA GLY A 66 -17.02 12.71 -3.10
C GLY A 66 -17.39 12.33 -1.68
N ARG A 67 -16.57 11.51 -1.03
CA ARG A 67 -16.76 11.25 0.39
C ARG A 67 -15.43 11.06 1.14
N VAL A 68 -14.32 11.32 0.46
CA VAL A 68 -13.05 11.52 1.14
C VAL A 68 -12.61 12.96 0.97
N THR A 69 -12.10 13.55 2.06
CA THR A 69 -11.43 14.84 2.00
C THR A 69 -10.06 14.74 2.64
N ILE A 70 -9.03 15.09 1.86
CA ILE A 70 -7.66 15.01 2.32
C ILE A 70 -7.08 16.41 2.36
N THR A 71 -6.58 16.80 3.52
CA THR A 71 -6.04 18.13 3.74
C THR A 71 -4.68 18.02 4.39
N ALA A 72 -3.90 19.10 4.32
CA ALA A 72 -2.66 19.18 5.08
C ALA A 72 -2.56 20.54 5.75
N ASP A 73 -2.14 20.55 7.01
CA ASP A 73 -1.76 21.78 7.70
C ASP A 73 -0.25 21.94 7.57
N LYS A 74 0.18 22.82 6.67
CA LYS A 74 1.61 22.97 6.39
C LYS A 74 2.39 23.39 7.64
N SER A 75 1.79 24.26 8.45
CA SER A 75 2.48 24.81 9.61
C SER A 75 2.84 23.74 10.63
N THR A 76 1.99 22.73 10.76
CA THR A 76 2.20 21.66 11.74
C THR A 76 2.63 20.35 11.08
N SER A 77 2.85 20.39 9.78
CA SER A 77 3.33 19.21 9.04
C SER A 77 2.40 18.02 9.27
N THR A 78 1.09 18.28 9.32
CA THR A 78 0.11 17.24 9.59
C THR A 78 -0.84 17.09 8.43
N ALA A 79 -1.06 15.85 8.00
CA ALA A 79 -2.07 15.55 6.99
C ALA A 79 -3.30 14.90 7.62
N TYR A 80 -4.46 15.13 7.00
CA TYR A 80 -5.70 14.55 7.49
C TYR A 80 -6.40 13.81 6.36
N MET A 81 -7.10 12.73 6.72
CA MET A 81 -8.06 12.10 5.84
C MET A 81 -9.41 12.00 6.55
N GLU A 82 -10.44 12.54 5.91
CA GLU A 82 -11.80 12.45 6.46
C GLU A 82 -12.65 11.62 5.51
N LEU A 83 -13.16 10.49 6.01
CA LEU A 83 -13.97 9.60 5.20
C LEU A 83 -15.40 9.57 5.73
N SER A 84 -16.36 9.88 4.86
CA SER A 84 -17.75 10.04 5.28
C SER A 84 -18.65 8.93 4.74
N SER A 85 -19.90 8.94 5.20
CA SER A 85 -20.87 7.92 4.86
CA SER A 85 -20.87 7.92 4.85
C SER A 85 -20.29 6.52 4.99
N LEU A 86 -19.67 6.25 6.14
CA LEU A 86 -18.98 4.99 6.37
C LEU A 86 -19.87 3.77 6.17
N ARG A 87 -19.31 2.73 5.58
CA ARG A 87 -20.01 1.47 5.37
C ARG A 87 -19.17 0.33 5.94
N SER A 88 -19.79 -0.83 6.12
CA SER A 88 -19.10 -1.94 6.78
C SER A 88 -17.80 -2.27 6.04
N GLU A 89 -17.79 -2.09 4.73
CA GLU A 89 -16.61 -2.37 3.91
C GLU A 89 -15.48 -1.36 4.09
N ASP A 90 -15.74 -0.28 4.83
CA ASP A 90 -14.69 0.70 5.10
C ASP A 90 -13.87 0.33 6.33
N THR A 91 -14.25 -0.75 7.00
CA THR A 91 -13.46 -1.28 8.10
C THR A 91 -12.11 -1.72 7.56
N ALA A 92 -11.05 -1.16 8.11
CA ALA A 92 -9.73 -1.22 7.48
C ALA A 92 -8.70 -0.55 8.36
N VAL A 93 -7.44 -0.90 8.13
CA VAL A 93 -6.34 -0.12 8.66
C VAL A 93 -5.95 0.96 7.65
N TYR A 94 -5.98 2.21 8.09
CA TYR A 94 -5.68 3.35 7.23
C TYR A 94 -4.25 3.84 7.50
N TYR A 95 -3.43 3.87 6.44
CA TYR A 95 -2.04 4.32 6.54
C TYR A 95 -1.84 5.64 5.83
N CYS A 96 -1.02 6.50 6.41
CA CYS A 96 -0.34 7.52 5.65
C CYS A 96 1.02 7.00 5.22
N ALA A 97 1.45 7.42 4.03
CA ALA A 97 2.69 6.96 3.44
C ALA A 97 3.33 8.06 2.60
N ARG A 98 4.65 8.04 2.52
CA ARG A 98 5.40 9.03 1.74
C ARG A 98 6.45 8.37 0.87
N GLU A 99 6.65 8.90 -0.34
CA GLU A 99 7.63 8.34 -1.26
C GLU A 99 9.06 8.71 -0.84
N GLY A 100 9.35 10.01 -0.84
CA GLY A 100 10.71 10.50 -0.89
C GLY A 100 11.29 10.41 -2.30
N GLY A 105 14.71 19.63 -2.87
CA GLY A 105 14.30 19.23 -4.21
C GLY A 105 14.88 17.89 -4.63
N TRP A 106 14.06 17.08 -5.29
CA TRP A 106 14.49 15.77 -5.78
C TRP A 106 14.99 15.85 -7.22
N LEU A 107 16.28 15.60 -7.41
CA LEU A 107 16.88 15.63 -8.74
C LEU A 107 17.39 14.26 -9.18
N GLY A 108 17.09 13.23 -8.40
CA GLY A 108 17.45 11.85 -8.76
C GLY A 108 16.49 11.24 -9.76
N LYS A 109 16.55 9.93 -9.94
CA LYS A 109 15.63 9.23 -10.83
C LYS A 109 14.21 9.30 -10.27
N PRO A 110 13.20 9.29 -11.17
CA PRO A 110 11.80 9.23 -10.71
C PRO A 110 11.50 7.97 -9.91
N ILE A 111 10.92 8.14 -8.72
CA ILE A 111 10.59 7.02 -7.84
C ILE A 111 9.33 7.30 -7.03
N GLY A 112 8.25 6.60 -7.35
CA GLY A 112 6.96 6.81 -6.70
C GLY A 112 6.55 5.68 -5.78
N ALA A 113 7.51 4.90 -5.30
CA ALA A 113 7.23 3.88 -4.29
C ALA A 113 7.17 4.51 -2.91
N PHE A 114 6.48 3.86 -1.98
CA PHE A 114 6.33 4.39 -0.62
C PHE A 114 7.35 3.78 0.33
N ALA A 115 8.37 4.56 0.65
CA ALA A 115 9.44 4.07 1.51
C ALA A 115 9.05 4.18 2.98
N TYR A 116 8.24 5.18 3.30
CA TYR A 116 7.92 5.52 4.69
C TYR A 116 6.43 5.40 4.97
N TRP A 117 6.09 4.74 6.07
CA TRP A 117 4.70 4.48 6.42
C TRP A 117 4.46 4.88 7.86
N GLY A 118 3.26 5.37 8.15
CA GLY A 118 2.79 5.50 9.51
C GLY A 118 2.45 4.15 10.10
N GLN A 119 2.10 4.13 11.39
CA GLN A 119 1.89 2.87 12.08
C GLN A 119 0.50 2.30 11.80
N GLY A 120 -0.32 3.06 11.07
CA GLY A 120 -1.68 2.64 10.75
C GLY A 120 -2.70 3.05 11.79
N THR A 121 -3.91 3.36 11.32
CA THR A 121 -5.04 3.63 12.19
C THR A 121 -6.18 2.68 11.84
N LEU A 122 -6.50 1.76 12.75
CA LEU A 122 -7.68 0.90 12.59
C LEU A 122 -8.96 1.70 12.73
N VAL A 123 -9.77 1.70 11.69
CA VAL A 123 -11.15 2.18 11.78
C VAL A 123 -12.11 1.01 11.62
N THR A 124 -12.91 0.77 12.64
CA THR A 124 -13.94 -0.25 12.58
C THR A 124 -15.30 0.39 12.48
N VAL A 125 -16.06 -0.02 11.48
CA VAL A 125 -17.44 0.42 11.32
C VAL A 125 -18.34 -0.70 11.82
N SER A 126 -19.02 -0.43 12.93
CA SER A 126 -19.75 -1.47 13.65
C SER A 126 -21.22 -1.08 13.77
N SER A 127 -22.11 -2.02 13.48
CA SER A 127 -23.53 -1.81 13.67
CA SER A 127 -23.53 -1.81 13.67
C SER A 127 -23.95 -2.22 15.08
N MET B 1 -8.03 5.55 -17.12
CA MET B 1 -8.43 4.23 -16.57
C MET B 1 -7.35 3.70 -15.67
N GLU B 2 -7.72 3.35 -14.44
CA GLU B 2 -6.75 2.87 -13.47
C GLU B 2 -6.16 1.56 -13.96
N ILE B 3 -4.86 1.39 -13.77
CA ILE B 3 -4.23 0.10 -13.99
C ILE B 3 -4.60 -0.85 -12.86
N VAL B 4 -5.18 -1.98 -13.21
CA VAL B 4 -5.57 -2.99 -12.24
C VAL B 4 -4.49 -4.05 -12.15
N LEU B 5 -4.04 -4.30 -10.93
CA LEU B 5 -3.01 -5.29 -10.67
C LEU B 5 -3.63 -6.52 -10.01
N THR B 6 -3.36 -7.68 -10.57
CA THR B 6 -3.90 -8.93 -10.08
C THR B 6 -2.77 -9.91 -9.75
N GLN B 7 -2.68 -10.27 -8.48
CA GLN B 7 -1.61 -11.14 -8.02
C GLN B 7 -2.05 -12.61 -8.06
N SER B 8 -1.08 -13.49 -8.19
CA SER B 8 -1.32 -14.93 -8.18
CA SER B 8 -1.32 -14.93 -8.16
C SER B 8 -0.12 -15.64 -7.55
N PRO B 9 -0.37 -16.70 -6.75
CA PRO B 9 -1.68 -17.21 -6.33
C PRO B 9 -2.22 -16.35 -5.21
N GLY B 10 -3.45 -16.61 -4.77
CA GLY B 10 -3.99 -15.94 -3.59
C GLY B 10 -3.24 -16.34 -2.33
N THR B 11 -2.94 -17.63 -2.22
CA THR B 11 -2.22 -18.16 -1.08
C THR B 11 -1.14 -19.13 -1.58
N LEU B 12 0.08 -18.94 -1.10
CA LEU B 12 1.17 -19.86 -1.42
C LEU B 12 1.57 -20.64 -0.17
N SER B 13 1.45 -21.97 -0.24
CA SER B 13 1.72 -22.83 0.91
C SER B 13 3.02 -23.59 0.72
N LEU B 14 4.04 -23.22 1.48
CA LEU B 14 5.37 -23.78 1.31
C LEU B 14 6.02 -24.01 2.67
N SER B 15 7.10 -24.79 2.66
CA SER B 15 7.88 -25.03 3.87
C SER B 15 9.08 -24.10 3.89
N PRO B 16 9.62 -23.83 5.09
CA PRO B 16 10.89 -23.12 5.18
C PRO B 16 11.98 -23.75 4.31
N GLY B 17 12.80 -22.91 3.69
CA GLY B 17 13.88 -23.38 2.84
C GLY B 17 13.49 -23.49 1.38
N GLU B 18 12.20 -23.53 1.10
CA GLU B 18 11.70 -23.64 -0.27
C GLU B 18 11.74 -22.30 -1.00
N ARG B 19 11.79 -22.37 -2.33
CA ARG B 19 11.68 -21.19 -3.18
C ARG B 19 10.24 -20.76 -3.35
N ALA B 20 9.99 -19.45 -3.27
CA ALA B 20 8.67 -18.91 -3.51
C ALA B 20 8.73 -17.94 -4.68
N THR B 21 7.78 -18.06 -5.61
CA THR B 21 7.68 -17.12 -6.71
C THR B 21 6.26 -16.59 -6.81
N LEU B 22 6.14 -15.27 -6.66
CA LEU B 22 4.85 -14.58 -6.61
C LEU B 22 4.68 -13.78 -7.90
N SER B 23 3.46 -13.77 -8.43
CA SER B 23 3.19 -13.11 -9.71
C SER B 23 2.28 -11.90 -9.54
N CYS B 24 2.52 -10.88 -10.34
CA CYS B 24 1.66 -9.69 -10.40
C CYS B 24 1.43 -9.38 -11.88
N ARG B 25 0.18 -9.44 -12.31
CA ARG B 25 -0.19 -9.14 -13.69
C ARG B 25 -0.93 -7.81 -13.76
N ALA B 26 -0.49 -6.94 -14.66
CA ALA B 26 -1.12 -5.64 -14.86
C ALA B 26 -2.09 -5.68 -16.04
N SER B 27 -3.21 -4.97 -15.91
CA SER B 27 -4.21 -4.88 -16.98
C SER B 27 -3.67 -4.08 -18.16
N GLN B 28 -2.64 -3.28 -17.91
CA GLN B 28 -2.06 -2.41 -18.92
C GLN B 28 -0.57 -2.29 -18.64
N SER B 29 0.24 -2.14 -19.68
CA SER B 29 1.68 -1.99 -19.53
C SER B 29 2.03 -0.94 -18.49
N VAL B 30 2.98 -1.27 -17.63
CA VAL B 30 3.39 -0.37 -16.56
C VAL B 30 4.63 0.41 -16.97
N SER B 31 4.46 1.72 -17.14
CA SER B 31 5.50 2.57 -17.73
C SER B 31 6.81 2.43 -16.97
N SER B 32 7.90 2.29 -17.71
CA SER B 32 9.25 2.38 -17.16
C SER B 32 9.49 1.38 -16.03
N SER B 33 8.78 0.26 -16.06
CA SER B 33 8.94 -0.76 -15.05
C SER B 33 8.79 -0.19 -13.64
N TYR B 34 7.93 0.83 -13.50
CA TYR B 34 7.67 1.46 -12.20
C TYR B 34 6.74 0.59 -11.36
N LEU B 35 7.30 -0.50 -10.87
CA LEU B 35 6.57 -1.51 -10.13
C LEU B 35 7.30 -1.73 -8.81
N ALA B 36 6.56 -1.70 -7.70
CA ALA B 36 7.15 -1.99 -6.39
C ALA B 36 6.52 -3.21 -5.72
N TRP B 37 7.27 -3.82 -4.82
CA TRP B 37 6.78 -4.91 -3.98
C TRP B 37 6.93 -4.56 -2.50
N TYR B 38 5.91 -4.92 -1.71
CA TYR B 38 5.96 -4.76 -0.26
C TYR B 38 5.74 -6.07 0.47
N GLN B 39 6.30 -6.16 1.67
CA GLN B 39 5.93 -7.19 2.63
C GLN B 39 5.08 -6.56 3.72
N GLN B 40 4.06 -7.28 4.19
CA GLN B 40 3.34 -6.87 5.39
C GLN B 40 3.10 -8.03 6.35
N LYS B 41 3.53 -7.84 7.59
CA LYS B 41 3.27 -8.80 8.64
C LYS B 41 2.18 -8.24 9.57
N PRO B 42 1.47 -9.14 10.27
CA PRO B 42 0.35 -8.75 11.12
C PRO B 42 0.75 -7.66 12.12
N GLY B 43 -0.05 -6.60 12.18
CA GLY B 43 0.14 -5.54 13.17
C GLY B 43 1.23 -4.56 12.77
N GLN B 44 1.68 -4.65 11.53
CA GLN B 44 2.78 -3.80 11.05
C GLN B 44 2.44 -3.15 9.72
N ALA B 45 3.06 -2.02 9.45
CA ALA B 45 2.88 -1.34 8.18
C ALA B 45 3.62 -2.11 7.08
N PRO B 46 3.18 -1.95 5.83
CA PRO B 46 3.94 -2.53 4.72
C PRO B 46 5.39 -2.06 4.71
N ARG B 47 6.28 -2.92 4.23
CA ARG B 47 7.69 -2.57 4.12
C ARG B 47 8.12 -2.69 2.66
N LEU B 48 8.74 -1.65 2.14
CA LEU B 48 9.22 -1.67 0.75
C LEU B 48 10.37 -2.65 0.56
N LEU B 49 10.21 -3.57 -0.41
CA LEU B 49 11.21 -4.58 -0.71
C LEU B 49 11.95 -4.27 -2.01
N ILE B 50 11.17 -3.97 -3.05
CA ILE B 50 11.67 -3.80 -4.40
C ILE B 50 10.99 -2.58 -5.01
N TYR B 51 11.75 -1.78 -5.75
CA TYR B 51 11.16 -0.74 -6.58
C TYR B 51 11.77 -0.79 -7.97
N GLY B 52 11.16 -0.11 -8.92
CA GLY B 52 11.61 -0.16 -10.31
C GLY B 52 11.69 -1.59 -10.82
N ALA B 53 10.74 -2.41 -10.37
CA ALA B 53 10.61 -3.82 -10.78
C ALA B 53 11.68 -4.74 -10.23
N SER B 54 12.93 -4.28 -10.20
CA SER B 54 14.05 -5.18 -9.93
C SER B 54 15.08 -4.62 -8.93
N SER B 55 14.89 -3.37 -8.50
CA SER B 55 15.83 -2.75 -7.58
C SER B 55 15.47 -3.03 -6.12
N ARG B 56 16.39 -3.67 -5.41
CA ARG B 56 16.20 -4.01 -4.02
C ARG B 56 16.38 -2.75 -3.16
N ALA B 57 15.47 -2.50 -2.23
CA ALA B 57 15.65 -1.43 -1.26
C ALA B 57 16.86 -1.73 -0.38
N THR B 58 17.50 -0.70 0.15
CA THR B 58 18.64 -0.88 1.03
C THR B 58 18.20 -1.64 2.28
N GLY B 59 19.03 -2.57 2.74
CA GLY B 59 18.72 -3.35 3.94
C GLY B 59 17.82 -4.55 3.69
N ILE B 60 17.36 -4.73 2.45
CA ILE B 60 16.56 -5.90 2.09
C ILE B 60 17.52 -7.04 1.71
N PRO B 61 17.31 -8.25 2.26
CA PRO B 61 18.23 -9.36 2.07
C PRO B 61 18.35 -9.84 0.62
N ASP B 62 19.49 -10.45 0.30
CA ASP B 62 19.80 -10.94 -1.04
C ASP B 62 18.79 -11.95 -1.59
N ARG B 63 18.07 -12.64 -0.71
CA ARG B 63 17.16 -13.70 -1.13
C ARG B 63 15.90 -13.17 -1.79
N PHE B 64 15.63 -11.87 -1.64
CA PHE B 64 14.53 -11.24 -2.34
C PHE B 64 15.01 -10.70 -3.67
N SER B 65 14.27 -10.97 -4.73
CA SER B 65 14.52 -10.35 -6.02
C SER B 65 13.21 -10.12 -6.75
N GLY B 66 13.24 -9.19 -7.70
CA GLY B 66 12.08 -8.91 -8.52
C GLY B 66 12.47 -8.86 -9.97
N SER B 67 11.50 -9.15 -10.84
CA SER B 67 11.75 -9.17 -12.27
C SER B 67 10.46 -8.90 -13.00
N GLY B 68 10.58 -8.44 -14.24
CA GLY B 68 9.43 -8.27 -15.10
C GLY B 68 9.43 -6.94 -15.83
N SER B 69 8.62 -6.86 -16.87
CA SER B 69 8.29 -5.59 -17.51
C SER B 69 6.98 -5.76 -18.28
N GLY B 70 6.46 -4.65 -18.79
CA GLY B 70 5.15 -4.65 -19.45
C GLY B 70 4.02 -4.90 -18.47
N THR B 71 3.45 -6.11 -18.52
CA THR B 71 2.29 -6.44 -17.70
C THR B 71 2.56 -7.60 -16.75
N ASP B 72 3.73 -8.23 -16.86
CA ASP B 72 4.03 -9.44 -16.09
C ASP B 72 5.24 -9.22 -15.19
N PHE B 73 5.03 -9.32 -13.87
CA PHE B 73 6.09 -9.10 -12.90
C PHE B 73 6.12 -10.20 -11.85
N THR B 74 7.29 -10.45 -11.29
CA THR B 74 7.46 -11.51 -10.29
C THR B 74 8.32 -11.05 -9.12
N LEU B 75 7.98 -11.54 -7.94
CA LEU B 75 8.84 -11.43 -6.77
C LEU B 75 9.25 -12.83 -6.37
N THR B 76 10.55 -13.06 -6.26
CA THR B 76 11.06 -14.36 -5.84
C THR B 76 11.80 -14.27 -4.52
N ILE B 77 11.49 -15.21 -3.62
CA ILE B 77 12.29 -15.45 -2.44
C ILE B 77 13.03 -16.76 -2.60
N SER B 78 14.35 -16.69 -2.72
CA SER B 78 15.14 -17.81 -3.22
C SER B 78 15.07 -19.00 -2.27
N ARG B 79 15.01 -18.71 -0.98
CA ARG B 79 14.87 -19.72 0.05
C ARG B 79 14.13 -19.09 1.25
N LEU B 80 12.95 -19.62 1.56
CA LEU B 80 12.08 -19.02 2.57
C LEU B 80 12.63 -19.16 3.98
N GLU B 81 12.80 -18.02 4.66
CA GLU B 81 13.06 -18.02 6.09
C GLU B 81 11.73 -17.93 6.84
N PRO B 82 11.71 -18.41 8.09
CA PRO B 82 10.51 -18.34 8.91
C PRO B 82 9.91 -16.94 8.94
N GLU B 83 10.76 -15.92 8.97
CA GLU B 83 10.28 -14.54 9.06
C GLU B 83 9.66 -14.06 7.76
N ASP B 84 9.78 -14.85 6.70
CA ASP B 84 9.26 -14.46 5.38
C ASP B 84 7.81 -14.86 5.14
N PHE B 85 7.24 -15.62 6.06
CA PHE B 85 5.81 -15.92 5.98
C PHE B 85 5.02 -14.67 6.35
N ALA B 86 4.29 -14.15 5.37
CA ALA B 86 3.72 -12.82 5.42
C ALA B 86 2.82 -12.63 4.20
N VAL B 87 2.23 -11.46 4.08
CA VAL B 87 1.51 -11.10 2.86
C VAL B 87 2.36 -10.16 2.02
N TYR B 88 2.35 -10.36 0.71
CA TYR B 88 3.13 -9.54 -0.21
C TYR B 88 2.23 -8.80 -1.20
N TYR B 89 2.49 -7.51 -1.41
CA TYR B 89 1.72 -6.71 -2.36
C TYR B 89 2.61 -6.14 -3.45
N CYS B 90 2.09 -6.09 -4.68
CA CYS B 90 2.67 -5.25 -5.72
C CYS B 90 1.96 -3.90 -5.80
N GLN B 91 2.65 -2.94 -6.40
CA GLN B 91 2.13 -1.58 -6.60
C GLN B 91 2.72 -1.02 -7.88
N GLN B 92 1.89 -0.37 -8.69
CA GLN B 92 2.40 0.38 -9.82
C GLN B 92 2.28 1.88 -9.56
N TYR B 93 3.32 2.60 -9.95
CA TYR B 93 3.30 4.06 -9.90
C TYR B 93 3.71 4.64 -11.26
N GLY B 94 3.48 3.87 -12.32
CA GLY B 94 3.74 4.33 -13.68
C GLY B 94 2.62 5.16 -14.24
N SER B 95 1.46 5.11 -13.58
CA SER B 95 0.31 5.92 -13.97
C SER B 95 -0.46 6.36 -12.74
N SER B 96 -1.09 7.53 -12.83
CA SER B 96 -2.02 7.98 -11.79
C SER B 96 -3.42 7.47 -12.08
N PRO B 97 -4.14 7.00 -11.05
CA PRO B 97 -3.71 6.92 -9.66
C PRO B 97 -2.91 5.64 -9.40
N SER B 98 -1.95 5.72 -8.48
CA SER B 98 -1.24 4.53 -8.05
C SER B 98 -2.22 3.44 -7.64
N THR B 99 -1.87 2.19 -7.94
CA THR B 99 -2.74 1.07 -7.60
C THR B 99 -1.92 -0.07 -7.03
N PHE B 100 -2.59 -0.92 -6.23
CA PHE B 100 -1.95 -2.05 -5.57
C PHE B 100 -2.66 -3.33 -5.98
N GLY B 101 -1.92 -4.44 -6.00
CA GLY B 101 -2.54 -5.75 -6.06
C GLY B 101 -3.26 -6.11 -4.77
N GLN B 102 -3.93 -7.26 -4.77
CA GLN B 102 -4.78 -7.66 -3.66
C GLN B 102 -4.01 -8.43 -2.59
N GLY B 103 -2.74 -8.71 -2.86
CA GLY B 103 -1.89 -9.42 -1.92
C GLY B 103 -1.83 -10.92 -2.17
N THR B 104 -0.66 -11.50 -1.95
CA THR B 104 -0.50 -12.94 -1.88
C THR B 104 -0.01 -13.30 -0.48
N LYS B 105 -0.73 -14.20 0.19
CA LYS B 105 -0.31 -14.72 1.48
C LYS B 105 0.61 -15.92 1.27
N VAL B 106 1.82 -15.82 1.81
CA VAL B 106 2.74 -16.94 1.84
C VAL B 106 2.66 -17.55 3.24
N GLU B 107 2.19 -18.79 3.31
CA GLU B 107 1.93 -19.42 4.60
C GLU B 107 2.68 -20.73 4.71
N ILE B 108 2.84 -21.21 5.95
CA ILE B 108 3.58 -22.43 6.20
C ILE B 108 2.75 -23.62 5.75
N LYS B 109 3.37 -24.51 4.98
CA LYS B 109 2.67 -25.64 4.39
C LYS B 109 2.32 -26.66 5.46
N ARG B 110 1.15 -27.28 5.32
CA ARG B 110 0.69 -28.31 6.26
C ARG B 110 1.71 -29.43 6.37
N LEU B 111 1.68 -30.14 7.50
CA LEU B 111 2.74 -31.08 7.86
C LEU B 111 2.61 -32.38 7.08
#